data_5GJU
#
_entry.id   5GJU
#
_cell.length_a   57.990
_cell.length_b   57.990
_cell.length_c   104.360
_cell.angle_alpha   90.000
_cell.angle_beta   90.000
_cell.angle_gamma   120.000
#
_symmetry.space_group_name_H-M   'P 61'
#
loop_
_entity.id
_entity.type
_entity.pdbx_description
1 polymer 'ATP-dependent RNA helicase DeaD'
2 non-polymer 'ADENOSINE MONOPHOSPHATE'
3 water water
#
_entity_poly.entity_id   1
_entity_poly.type   'polypeptide(L)'
_entity_poly.pdbx_seq_one_letter_code
;TTFADLGLKAPILEALNDLGYEKPSPIQAECIPHLLNGRDVLGMAQTGSGKTAAFSLPLLQNLDPELKAPQILVLAPTRE
LAVQVAEAMTDFSKHMRGVNVVALYGGQRYDVQLRALRQGPQIVVGTPGRLLDHLKRGTLDLSKLSGLVLDEADEMLRMG
FIEDVETIMAQIPEGHQTALFSATMPEAIRRITRRFMKEPQEVRI
;
_entity_poly.pdbx_strand_id   A
#
# COMPACT_ATOMS: atom_id res chain seq x y z
N THR A 1 4.08 15.26 -18.47
CA THR A 1 4.76 14.68 -17.30
C THR A 1 5.05 13.20 -17.47
N THR A 2 6.29 12.81 -17.21
CA THR A 2 6.74 11.43 -17.32
C THR A 2 6.88 10.81 -15.94
N PHE A 3 7.05 9.48 -15.91
CA PHE A 3 7.31 8.83 -14.63
C PHE A 3 8.63 9.28 -14.05
N ALA A 4 9.65 9.51 -14.88
CA ALA A 4 10.92 10.00 -14.38
C ALA A 4 10.77 11.41 -13.78
N ASP A 5 9.91 12.25 -14.37
CA ASP A 5 9.63 13.57 -13.83
C ASP A 5 9.06 13.52 -12.42
N LEU A 6 8.41 12.41 -12.05
CA LEU A 6 7.83 12.29 -10.72
C LEU A 6 8.84 11.92 -9.66
N GLY A 7 10.07 11.61 -10.06
CA GLY A 7 11.12 11.23 -9.15
C GLY A 7 11.43 9.76 -9.10
N LEU A 8 10.86 8.95 -9.98
CA LEU A 8 11.12 7.52 -9.96
C LEU A 8 12.42 7.20 -10.68
N LYS A 9 13.16 6.25 -10.14
CA LYS A 9 14.50 5.91 -10.59
C LYS A 9 14.47 4.68 -11.50
N ALA A 10 15.65 4.29 -11.98
CA ALA A 10 15.75 3.36 -13.10
C ALA A 10 15.08 2.00 -12.87
N PRO A 11 15.20 1.34 -11.72
CA PRO A 11 14.59 0.01 -11.59
C PRO A 11 13.10 0.06 -11.74
N ILE A 12 12.44 1.07 -11.17
CA ILE A 12 11.01 1.16 -11.35
C ILE A 12 10.68 1.59 -12.77
N LEU A 13 11.43 2.54 -13.33
CA LEU A 13 11.18 2.95 -14.71
C LEU A 13 11.29 1.78 -15.67
N GLU A 14 12.22 0.86 -15.43
CA GLU A 14 12.38 -0.29 -16.31
C GLU A 14 11.17 -1.24 -16.20
N ALA A 15 10.67 -1.45 -14.98
CA ALA A 15 9.49 -2.29 -14.79
C ALA A 15 8.28 -1.68 -15.48
N LEU A 16 8.13 -0.35 -15.39
CA LEU A 16 7.03 0.31 -16.07
C LEU A 16 7.13 0.12 -17.57
N ASN A 17 8.34 0.17 -18.10
CA ASN A 17 8.51 -0.04 -19.53
C ASN A 17 8.15 -1.47 -19.89
N ASP A 18 8.57 -2.43 -19.08
CA ASP A 18 8.21 -3.82 -19.31
C ASP A 18 6.69 -3.99 -19.33
N LEU A 19 5.99 -3.27 -18.45
CA LEU A 19 4.53 -3.33 -18.36
C LEU A 19 3.82 -2.57 -19.46
N GLY A 20 4.52 -1.71 -20.17
CA GLY A 20 3.91 -0.95 -21.22
C GLY A 20 3.20 0.30 -20.75
N TYR A 21 3.51 0.79 -19.55
CA TYR A 21 2.96 2.06 -19.09
C TYR A 21 3.76 3.19 -19.73
N GLU A 22 3.09 3.99 -20.53
CA GLU A 22 3.75 5.05 -21.26
C GLU A 22 3.79 6.35 -20.48
N LYS A 23 2.70 6.74 -19.84
CA LYS A 23 2.71 7.98 -19.08
C LYS A 23 1.88 7.85 -17.82
N PRO A 24 2.15 8.68 -16.82
CA PRO A 24 1.35 8.62 -15.59
C PRO A 24 -0.08 9.04 -15.80
N SER A 25 -0.98 8.36 -15.08
CA SER A 25 -2.35 8.82 -14.97
C SER A 25 -2.41 10.01 -14.04
N PRO A 26 -3.49 10.78 -14.08
CA PRO A 26 -3.58 11.95 -13.19
C PRO A 26 -3.38 11.62 -11.72
N ILE A 27 -3.96 10.52 -11.22
CA ILE A 27 -3.86 10.23 -9.77
C ILE A 27 -2.42 9.87 -9.44
N GLN A 28 -1.71 9.29 -10.41
CA GLN A 28 -0.30 8.95 -10.22
C GLN A 28 0.55 10.22 -10.20
N ALA A 29 0.28 11.15 -11.12
CA ALA A 29 1.07 12.38 -11.18
C ALA A 29 0.89 13.20 -9.92
N GLU A 30 -0.30 13.16 -9.31
CA GLU A 30 -0.55 13.93 -8.11
C GLU A 30 -0.01 13.23 -6.85
N CYS A 31 -0.25 11.92 -6.72
CA CYS A 31 0.03 11.26 -5.44
C CYS A 31 1.50 10.86 -5.29
N ILE A 32 2.15 10.44 -6.37
CA ILE A 32 3.49 9.85 -6.25
C ILE A 32 4.49 10.85 -5.66
N PRO A 33 4.58 12.09 -6.13
CA PRO A 33 5.52 13.02 -5.48
C PRO A 33 5.25 13.22 -3.99
N HIS A 34 3.99 13.32 -3.57
CA HIS A 34 3.72 13.48 -2.14
C HIS A 34 4.25 12.30 -1.34
N LEU A 35 4.02 11.07 -1.83
CA LEU A 35 4.44 9.90 -1.08
C LEU A 35 5.95 9.76 -1.13
N LEU A 36 6.58 10.06 -2.26
CA LEU A 36 8.03 10.07 -2.24
C LEU A 36 8.57 11.05 -1.22
N ASN A 37 7.89 12.17 -1.01
CA ASN A 37 8.37 13.17 -0.06
C ASN A 37 8.00 12.86 1.39
N GLY A 38 7.46 11.68 1.63
CA GLY A 38 7.22 11.20 2.98
C GLY A 38 5.92 11.65 3.58
N ARG A 39 5.01 12.21 2.78
CA ARG A 39 3.73 12.66 3.30
C ARG A 39 2.74 11.51 3.39
N ASP A 40 1.73 11.72 4.23
CA ASP A 40 0.53 10.89 4.20
C ASP A 40 -0.38 11.44 3.11
N VAL A 41 -1.13 10.54 2.46
CA VAL A 41 -1.98 10.93 1.34
C VAL A 41 -3.35 10.34 1.51
N LEU A 42 -4.37 11.15 1.30
CA LEU A 42 -5.74 10.70 1.21
C LEU A 42 -6.10 10.81 -0.26
N GLY A 43 -6.20 9.68 -0.94
CA GLY A 43 -6.49 9.68 -2.35
C GLY A 43 -7.91 9.25 -2.66
N MET A 44 -8.65 10.14 -3.30
CA MET A 44 -10.03 9.89 -3.66
C MET A 44 -10.09 9.51 -5.12
N ALA A 45 -10.16 8.21 -5.39
CA ALA A 45 -10.11 7.65 -6.74
C ALA A 45 -10.62 6.22 -6.68
N GLN A 46 -11.00 5.67 -7.85
CA GLN A 46 -11.53 4.31 -7.90
C GLN A 46 -10.76 3.48 -8.94
N THR A 47 -11.09 2.19 -9.03
CA THR A 47 -10.35 1.32 -9.93
C THR A 47 -10.47 1.88 -11.34
N GLY A 48 -9.40 1.74 -12.08
CA GLY A 48 -9.32 2.29 -13.40
C GLY A 48 -8.52 3.56 -13.44
N SER A 49 -8.44 4.29 -12.32
CA SER A 49 -7.69 5.53 -12.25
C SER A 49 -6.17 5.30 -12.28
N GLY A 50 -5.71 4.13 -11.88
CA GLY A 50 -4.32 3.88 -11.67
C GLY A 50 -3.88 4.04 -10.23
N LYS A 51 -4.80 3.86 -9.29
CA LYS A 51 -4.48 4.09 -7.88
C LYS A 51 -3.46 3.08 -7.36
N THR A 52 -3.44 1.85 -7.90
CA THR A 52 -2.48 0.87 -7.38
C THR A 52 -1.05 1.34 -7.57
N ALA A 53 -0.68 1.77 -8.77
CA ALA A 53 0.67 2.28 -8.98
C ALA A 53 0.90 3.58 -8.21
N ALA A 54 -0.15 4.40 -8.05
CA ALA A 54 -0.02 5.66 -7.31
C ALA A 54 0.52 5.44 -5.90
N PHE A 55 0.03 4.43 -5.19
CA PHE A 55 0.61 4.17 -3.86
C PHE A 55 1.79 3.21 -3.93
N SER A 56 1.82 2.27 -4.88
CA SER A 56 2.82 1.22 -4.84
C SER A 56 4.20 1.73 -5.23
N LEU A 57 4.30 2.47 -6.34
CA LEU A 57 5.61 2.87 -6.85
C LEU A 57 6.40 3.66 -5.81
N PRO A 58 5.85 4.69 -5.18
CA PRO A 58 6.68 5.46 -4.27
C PRO A 58 7.07 4.69 -3.03
N LEU A 59 6.14 3.91 -2.49
CA LEU A 59 6.47 3.16 -1.27
C LEU A 59 7.49 2.07 -1.57
N LEU A 60 7.40 1.43 -2.74
CA LEU A 60 8.46 0.49 -3.15
C LEU A 60 9.81 1.18 -3.25
N GLN A 61 9.85 2.36 -3.87
CA GLN A 61 11.13 3.01 -4.05
C GLN A 61 11.74 3.42 -2.71
N ASN A 62 10.89 3.65 -1.70
CA ASN A 62 11.29 4.14 -0.40
C ASN A 62 11.65 3.05 0.60
N LEU A 63 11.56 1.78 0.24
CA LEU A 63 11.88 0.82 1.30
C LEU A 63 13.38 0.53 1.32
N ASP A 64 13.79 -0.17 2.37
CA ASP A 64 15.15 -0.64 2.51
C ASP A 64 15.21 -2.03 1.90
N PRO A 65 15.80 -2.21 0.73
CA PRO A 65 15.72 -3.53 0.10
C PRO A 65 16.50 -4.58 0.84
N GLU A 66 17.43 -4.21 1.72
CA GLU A 66 18.20 -5.21 2.44
C GLU A 66 17.54 -5.65 3.73
N LEU A 67 16.45 -5.02 4.14
CA LEU A 67 15.76 -5.38 5.37
C LEU A 67 14.71 -6.42 5.02
N LYS A 68 14.95 -7.68 5.39
CA LYS A 68 14.07 -8.78 5.01
C LYS A 68 12.95 -8.94 6.04
N ALA A 69 12.05 -7.95 6.07
CA ALA A 69 10.95 -7.94 7.01
C ALA A 69 9.88 -7.01 6.45
N PRO A 70 8.62 -7.17 6.89
CA PRO A 70 7.55 -6.34 6.30
C PRO A 70 7.78 -4.87 6.55
N GLN A 71 7.80 -4.11 5.46
CA GLN A 71 7.91 -2.67 5.52
C GLN A 71 6.69 -1.95 4.96
N ILE A 72 6.00 -2.59 4.02
CA ILE A 72 4.77 -2.05 3.44
C ILE A 72 3.66 -3.05 3.72
N LEU A 73 2.58 -2.57 4.33
CA LEU A 73 1.39 -3.39 4.59
C LEU A 73 0.21 -2.77 3.84
N VAL A 74 -0.46 -3.55 2.99
CA VAL A 74 -1.58 -3.06 2.22
C VAL A 74 -2.80 -3.86 2.65
N LEU A 75 -3.84 -3.16 3.10
CA LEU A 75 -5.13 -3.74 3.45
C LEU A 75 -6.07 -3.57 2.26
N ALA A 76 -6.72 -4.67 1.86
CA ALA A 76 -7.72 -4.67 0.80
C ALA A 76 -8.98 -5.39 1.24
N PRO A 77 -10.14 -5.04 0.67
CA PRO A 77 -11.41 -5.63 1.14
C PRO A 77 -11.67 -7.04 0.67
N THR A 78 -11.04 -7.51 -0.40
CA THR A 78 -11.38 -8.78 -0.99
C THR A 78 -10.14 -9.59 -1.32
N ARG A 79 -10.31 -10.91 -1.34
CA ARG A 79 -9.25 -11.79 -1.82
C ARG A 79 -8.82 -11.39 -3.23
N GLU A 80 -9.77 -11.06 -4.10
CA GLU A 80 -9.44 -10.72 -5.48
C GLU A 80 -8.56 -9.47 -5.55
N LEU A 81 -8.90 -8.40 -4.80
CA LEU A 81 -8.07 -7.19 -4.87
C LEU A 81 -6.72 -7.41 -4.18
N ALA A 82 -6.70 -8.15 -3.07
CA ALA A 82 -5.42 -8.44 -2.42
C ALA A 82 -4.48 -9.14 -3.40
N VAL A 83 -4.98 -10.15 -4.12
CA VAL A 83 -4.13 -10.85 -5.07
C VAL A 83 -3.73 -9.94 -6.21
N GLN A 84 -4.66 -9.12 -6.72
CA GLN A 84 -4.35 -8.23 -7.83
C GLN A 84 -3.26 -7.23 -7.45
N VAL A 85 -3.39 -6.63 -6.27
CA VAL A 85 -2.40 -5.66 -5.80
C VAL A 85 -1.06 -6.33 -5.58
N ALA A 86 -1.07 -7.52 -4.97
CA ALA A 86 0.21 -8.19 -4.78
C ALA A 86 0.89 -8.48 -6.13
N GLU A 87 0.11 -8.92 -7.12
CA GLU A 87 0.69 -9.15 -8.45
C GLU A 87 1.30 -7.89 -9.03
N ALA A 88 0.60 -6.76 -8.92
CA ALA A 88 1.11 -5.49 -9.42
C ALA A 88 2.41 -5.12 -8.72
N MET A 89 2.43 -5.21 -7.41
CA MET A 89 3.62 -4.92 -6.64
C MET A 89 4.79 -5.80 -7.05
N THR A 90 4.50 -7.09 -7.31
CA THR A 90 5.52 -8.00 -7.82
C THR A 90 6.05 -7.53 -9.18
N ASP A 91 5.15 -7.09 -10.08
CA ASP A 91 5.57 -6.58 -11.39
C ASP A 91 6.37 -5.29 -11.27
N PHE A 92 5.93 -4.36 -10.40
CA PHE A 92 6.66 -3.12 -10.25
C PHE A 92 8.05 -3.32 -9.67
N SER A 93 8.27 -4.38 -8.90
CA SER A 93 9.56 -4.61 -8.24
C SER A 93 10.40 -5.65 -8.98
N LYS A 94 10.07 -5.93 -10.24
CA LYS A 94 10.75 -6.99 -10.99
C LYS A 94 12.25 -6.73 -11.12
N HIS A 95 12.68 -5.47 -11.07
CA HIS A 95 14.09 -5.16 -11.20
C HIS A 95 14.67 -4.64 -9.90
N MET A 96 14.08 -5.07 -8.77
CA MET A 96 14.56 -4.76 -7.43
C MET A 96 14.93 -6.07 -6.76
N ARG A 97 16.21 -6.42 -6.77
CA ARG A 97 16.61 -7.75 -6.33
C ARG A 97 16.37 -7.93 -4.84
N GLY A 98 15.85 -9.11 -4.48
CA GLY A 98 15.64 -9.44 -3.10
C GLY A 98 14.44 -8.79 -2.48
N VAL A 99 13.62 -8.11 -3.28
CA VAL A 99 12.37 -7.53 -2.81
C VAL A 99 11.22 -8.48 -3.15
N ASN A 100 10.45 -8.87 -2.14
CA ASN A 100 9.45 -9.92 -2.26
C ASN A 100 8.11 -9.50 -1.65
N VAL A 101 7.03 -10.04 -2.24
CA VAL A 101 5.64 -9.72 -1.89
C VAL A 101 4.91 -10.99 -1.48
N VAL A 102 4.06 -10.86 -0.46
CA VAL A 102 3.20 -11.94 0.03
C VAL A 102 1.78 -11.42 0.06
N ALA A 103 0.84 -12.25 -0.40
CA ALA A 103 -0.58 -12.00 -0.21
C ALA A 103 -1.15 -12.98 0.80
N LEU A 104 -1.97 -12.45 1.70
CA LEU A 104 -2.59 -13.20 2.79
C LEU A 104 -4.10 -12.96 2.72
N TYR A 105 -4.87 -14.00 2.40
CA TYR A 105 -6.32 -13.87 2.32
C TYR A 105 -7.02 -15.19 2.69
N VAL A 112 0.62 -22.45 3.46
CA VAL A 112 1.09 -21.55 2.41
C VAL A 112 1.36 -20.18 2.99
N GLN A 113 0.46 -19.69 3.85
CA GLN A 113 0.65 -18.37 4.43
C GLN A 113 1.84 -18.33 5.36
N LEU A 114 2.04 -19.41 6.13
CA LEU A 114 3.17 -19.44 7.06
C LEU A 114 4.50 -19.38 6.33
N ARG A 115 4.67 -20.17 5.29
CA ARG A 115 5.97 -20.15 4.63
C ARG A 115 6.15 -18.88 3.81
N ALA A 116 5.04 -18.24 3.43
CA ALA A 116 5.13 -16.88 2.90
C ALA A 116 5.83 -15.96 3.89
N LEU A 117 5.31 -15.86 5.11
CA LEU A 117 5.85 -14.86 6.03
C LEU A 117 7.24 -15.20 6.54
N ARG A 118 7.62 -16.48 6.53
CA ARG A 118 8.95 -16.85 6.99
C ARG A 118 10.04 -16.39 6.05
N GLN A 119 9.71 -16.07 4.80
CA GLN A 119 10.73 -15.61 3.87
C GLN A 119 11.13 -14.15 4.08
N GLY A 120 10.49 -13.43 5.00
CA GLY A 120 10.83 -12.05 5.24
C GLY A 120 10.48 -11.14 4.07
N PRO A 121 9.24 -11.20 3.59
CA PRO A 121 8.80 -10.31 2.51
C PRO A 121 8.78 -8.86 2.99
N GLN A 122 9.16 -7.94 2.11
CA GLN A 122 9.09 -6.53 2.46
C GLN A 122 7.71 -5.94 2.25
N ILE A 123 6.88 -6.61 1.45
CA ILE A 123 5.52 -6.15 1.14
C ILE A 123 4.55 -7.26 1.47
N VAL A 124 3.55 -6.94 2.28
CA VAL A 124 2.48 -7.86 2.65
C VAL A 124 1.16 -7.21 2.29
N VAL A 125 0.37 -7.89 1.46
CA VAL A 125 -0.97 -7.46 1.07
C VAL A 125 -1.98 -8.46 1.63
N GLY A 126 -3.06 -7.98 2.23
CA GLY A 126 -4.01 -8.93 2.74
C GLY A 126 -5.35 -8.31 3.04
N THR A 127 -6.33 -9.22 3.34
CA THR A 127 -7.62 -8.79 3.82
C THR A 127 -7.56 -8.60 5.35
N PRO A 128 -8.40 -7.73 5.91
CA PRO A 128 -8.19 -7.37 7.32
C PRO A 128 -8.29 -8.55 8.28
N GLY A 129 -9.27 -9.42 8.08
CA GLY A 129 -9.46 -10.53 9.01
C GLY A 129 -8.27 -11.47 9.01
N ARG A 130 -7.74 -11.77 7.85
CA ARG A 130 -6.62 -12.71 7.79
C ARG A 130 -5.32 -12.04 8.25
N LEU A 131 -5.09 -10.77 7.90
CA LEU A 131 -3.91 -10.08 8.43
C LEU A 131 -3.94 -10.03 9.95
N LEU A 132 -5.12 -9.76 10.51
CA LEU A 132 -5.23 -9.64 11.95
C LEU A 132 -5.00 -10.98 12.64
N ASP A 133 -5.34 -12.07 11.97
CA ASP A 133 -5.06 -13.40 12.53
C ASP A 133 -3.56 -13.61 12.68
N HIS A 134 -2.79 -13.31 11.63
CA HIS A 134 -1.35 -13.52 11.68
C HIS A 134 -0.66 -12.50 12.57
N LEU A 135 -1.25 -11.30 12.70
CA LEU A 135 -0.74 -10.31 13.64
C LEU A 135 -0.84 -10.84 15.06
N LYS A 136 -2.01 -11.35 15.44
CA LYS A 136 -2.17 -11.95 16.76
C LYS A 136 -1.23 -13.15 16.94
N ARG A 137 -1.07 -13.97 15.90
CA ARG A 137 -0.23 -15.17 16.03
C ARG A 137 1.26 -14.85 16.12
N GLY A 138 1.68 -13.65 15.71
CA GLY A 138 3.08 -13.30 15.69
C GLY A 138 3.78 -13.73 14.42
N THR A 139 3.07 -14.41 13.53
CA THR A 139 3.66 -14.78 12.26
C THR A 139 3.82 -13.56 11.36
N LEU A 140 3.07 -12.49 11.62
CA LEU A 140 3.19 -11.22 10.91
C LEU A 140 3.85 -10.19 11.83
N ASP A 141 5.07 -9.81 11.47
CA ASP A 141 5.90 -8.86 12.19
C ASP A 141 5.68 -7.47 11.61
N LEU A 142 5.12 -6.56 12.38
CA LEU A 142 4.98 -5.18 11.91
C LEU A 142 5.96 -4.24 12.60
N SER A 143 7.00 -4.76 13.28
CA SER A 143 7.88 -3.87 14.04
C SER A 143 8.71 -2.96 13.16
N LYS A 144 8.96 -3.33 11.90
CA LYS A 144 9.79 -2.55 10.99
C LYS A 144 8.96 -1.87 9.90
N LEU A 145 7.65 -1.76 10.11
CA LEU A 145 6.79 -1.20 9.09
C LEU A 145 7.05 0.30 8.88
N SER A 146 7.10 0.68 7.62
CA SER A 146 7.38 2.03 7.16
C SER A 146 6.22 2.66 6.42
N GLY A 147 5.32 1.85 5.90
CA GLY A 147 4.26 2.33 5.04
C GLY A 147 3.02 1.47 5.19
N LEU A 148 1.86 2.12 5.33
CA LEU A 148 0.57 1.48 5.48
C LEU A 148 -0.35 1.99 4.38
N VAL A 149 -1.01 1.09 3.66
CA VAL A 149 -1.96 1.49 2.65
C VAL A 149 -3.32 0.88 3.00
N LEU A 150 -4.34 1.72 3.01
CA LEU A 150 -5.71 1.22 2.98
C LEU A 150 -6.25 1.39 1.57
N ASP A 151 -6.46 0.28 0.88
CA ASP A 151 -6.91 0.29 -0.51
C ASP A 151 -8.41 -0.03 -0.52
N GLU A 152 -9.21 1.00 -0.78
CA GLU A 152 -10.67 0.96 -0.76
C GLU A 152 -11.20 0.91 0.66
N ALA A 153 -10.88 1.94 1.44
CA ALA A 153 -11.27 1.99 2.83
C ALA A 153 -12.78 1.98 2.97
N ASP A 154 -13.49 2.67 2.07
CA ASP A 154 -14.95 2.68 2.10
C ASP A 154 -15.52 1.28 1.94
N GLU A 155 -14.94 0.50 1.03
CA GLU A 155 -15.39 -0.88 0.85
C GLU A 155 -15.14 -1.72 2.09
N MET A 156 -14.01 -1.50 2.76
CA MET A 156 -13.76 -2.26 3.99
C MET A 156 -14.79 -1.90 5.06
N LEU A 157 -15.15 -0.62 5.16
CA LEU A 157 -16.22 -0.20 6.05
C LEU A 157 -17.52 -0.90 5.68
N ARG A 158 -17.85 -0.86 4.39
CA ARG A 158 -19.16 -1.34 3.97
C ARG A 158 -19.30 -2.84 4.19
N MET A 159 -18.20 -3.57 4.01
CA MET A 159 -18.20 -5.02 4.21
C MET A 159 -18.13 -5.45 5.67
N GLY A 160 -18.10 -4.51 6.60
CA GLY A 160 -18.09 -4.79 8.03
C GLY A 160 -16.74 -4.99 8.67
N PHE A 161 -15.65 -4.58 8.01
CA PHE A 161 -14.29 -4.90 8.45
C PHE A 161 -13.62 -3.77 9.22
N ILE A 162 -14.31 -2.68 9.54
CA ILE A 162 -13.57 -1.52 10.01
C ILE A 162 -13.02 -1.73 11.40
N GLU A 163 -13.68 -2.55 12.22
CA GLU A 163 -13.15 -2.81 13.54
C GLU A 163 -11.79 -3.47 13.45
N ASP A 164 -11.66 -4.46 12.56
CA ASP A 164 -10.39 -5.13 12.35
C ASP A 164 -9.36 -4.19 11.76
N VAL A 165 -9.78 -3.32 10.82
CA VAL A 165 -8.87 -2.32 10.24
C VAL A 165 -8.32 -1.43 11.35
N GLU A 166 -9.19 -0.93 12.23
CA GLU A 166 -8.74 -0.07 13.32
C GLU A 166 -7.78 -0.81 14.23
N THR A 167 -8.07 -2.09 14.54
CA THR A 167 -7.20 -2.86 15.42
C THR A 167 -5.81 -3.01 14.83
N ILE A 168 -5.74 -3.35 13.53
CA ILE A 168 -4.45 -3.41 12.87
C ILE A 168 -3.74 -2.07 12.96
N MET A 169 -4.44 -0.98 12.64
CA MET A 169 -3.79 0.32 12.54
C MET A 169 -3.24 0.80 13.87
N ALA A 170 -3.90 0.44 14.98
CA ALA A 170 -3.45 0.82 16.31
C ALA A 170 -2.24 0.04 16.77
N GLN A 171 -1.86 -1.05 16.08
CA GLN A 171 -0.70 -1.86 16.45
C GLN A 171 0.55 -1.46 15.69
N ILE A 172 0.46 -0.53 14.75
CA ILE A 172 1.59 -0.17 13.90
C ILE A 172 2.52 0.79 14.64
N PRO A 173 3.83 0.61 14.55
CA PRO A 173 4.76 1.55 15.18
C PRO A 173 4.57 2.99 14.69
N GLU A 174 4.83 3.92 15.61
CA GLU A 174 4.58 5.35 15.39
C GLU A 174 5.08 5.85 14.03
N GLY A 175 6.31 5.52 13.66
CA GLY A 175 6.91 6.17 12.51
C GLY A 175 6.65 5.52 11.17
N HIS A 176 5.59 5.96 10.49
CA HIS A 176 5.27 5.35 9.20
C HIS A 176 4.44 6.33 8.39
N GLN A 177 4.50 6.15 7.09
CA GLN A 177 3.64 6.83 6.15
C GLN A 177 2.36 6.04 5.97
N THR A 178 1.25 6.76 5.76
CA THR A 178 -0.05 6.16 5.51
C THR A 178 -0.64 6.71 4.22
N ALA A 179 -1.14 5.82 3.36
CA ALA A 179 -1.89 6.21 2.17
C ALA A 179 -3.27 5.59 2.30
N LEU A 180 -4.30 6.40 2.18
CA LEU A 180 -5.66 5.89 2.29
C LEU A 180 -6.36 6.24 1.01
N PHE A 181 -6.82 5.21 0.29
CA PHE A 181 -7.54 5.39 -0.96
C PHE A 181 -8.98 4.94 -0.80
N SER A 182 -9.89 5.81 -1.27
CA SER A 182 -11.31 5.58 -1.12
C SER A 182 -12.03 6.37 -2.19
N ALA A 183 -12.91 5.70 -2.94
CA ALA A 183 -13.68 6.38 -3.99
C ALA A 183 -14.73 7.31 -3.40
N THR A 184 -15.29 6.96 -2.24
CA THR A 184 -16.27 7.77 -1.54
C THR A 184 -15.71 8.15 -0.17
N MET A 185 -16.40 9.02 0.53
CA MET A 185 -15.94 9.48 1.85
C MET A 185 -17.02 9.39 2.92
N PRO A 186 -17.29 8.18 3.42
CA PRO A 186 -18.10 8.07 4.64
C PRO A 186 -17.45 8.81 5.81
N GLU A 187 -18.30 9.28 6.74
CA GLU A 187 -17.78 9.94 7.94
C GLU A 187 -16.82 9.05 8.71
N ALA A 188 -17.08 7.75 8.77
CA ALA A 188 -16.19 6.87 9.53
C ALA A 188 -14.80 6.84 8.91
N ILE A 189 -14.72 6.99 7.58
CA ILE A 189 -13.41 7.10 6.96
C ILE A 189 -12.75 8.44 7.27
N ARG A 190 -13.54 9.53 7.26
CA ARG A 190 -12.99 10.81 7.74
C ARG A 190 -12.39 10.69 9.13
N ARG A 191 -13.10 9.99 10.03
CA ARG A 191 -12.60 9.85 11.39
C ARG A 191 -11.31 9.03 11.45
N ILE A 192 -11.23 7.95 10.64
CA ILE A 192 -9.99 7.17 10.56
C ILE A 192 -8.84 8.05 10.09
N THR A 193 -9.11 8.95 9.14
CA THR A 193 -8.07 9.84 8.64
C THR A 193 -7.55 10.72 9.76
N ARG A 194 -8.46 11.24 10.58
CA ARG A 194 -8.04 12.12 11.67
C ARG A 194 -7.29 11.37 12.76
N ARG A 195 -7.68 10.13 13.04
CA ARG A 195 -7.08 9.40 14.14
C ARG A 195 -5.67 8.94 13.78
N PHE A 196 -5.49 8.50 12.54
CA PHE A 196 -4.33 7.69 12.18
C PHE A 196 -3.38 8.33 11.18
N MET A 197 -3.73 9.46 10.57
CA MET A 197 -2.89 10.06 9.55
C MET A 197 -2.39 11.43 10.01
N LYS A 198 -1.23 11.83 9.48
CA LYS A 198 -0.54 13.04 9.91
C LYS A 198 -0.62 14.07 8.80
N GLU A 199 -1.42 15.13 9.01
CA GLU A 199 -1.54 16.22 8.05
C GLU A 199 -1.59 15.71 6.62
N PRO A 200 -2.52 14.81 6.30
CA PRO A 200 -2.51 14.18 4.97
C PRO A 200 -2.73 15.18 3.85
N GLN A 201 -2.06 14.93 2.73
CA GLN A 201 -2.37 15.63 1.49
C GLN A 201 -3.62 15.02 0.90
N GLU A 202 -4.65 15.84 0.67
CA GLU A 202 -5.88 15.33 0.09
C GLU A 202 -5.81 15.50 -1.42
N VAL A 203 -6.04 14.40 -2.13
CA VAL A 203 -5.97 14.38 -3.59
C VAL A 203 -7.32 13.92 -4.10
N ARG A 204 -8.07 14.85 -4.66
CA ARG A 204 -9.24 14.52 -5.47
C ARG A 204 -9.14 15.43 -6.68
N ILE A 205 -9.17 14.85 -7.85
CA ILE A 205 -8.95 15.62 -9.06
C ILE A 205 -10.26 16.19 -9.56
#